data_5TNX
#
_entry.id   5TNX
#
_cell.length_a   79.060
_cell.length_b   92.650
_cell.length_c   120.410
_cell.angle_alpha   90.000
_cell.angle_beta   90.000
_cell.angle_gamma   90.000
#
_symmetry.space_group_name_H-M   'I 2 2 2'
#
loop_
_entity.id
_entity.type
_entity.pdbx_description
1 polymer 'Alcohol dehydrogenase zinc-binding domain protein'
2 non-polymer 'ZINC ION'
3 non-polymer 'CITRIC ACID'
4 non-polymer 1,2-ETHANEDIOL
5 water water
#
_entity_poly.entity_id   1
_entity_poly.type   'polypeptide(L)'
_entity_poly.pdbx_seq_one_letter_code
;MAHHHHHHMYTENDTRAVTAAVARAAGAPFSIEPARIRAPRGDEVLVRVVATGLCHTDLIVRDQYYPVPLPAVLGHEGAG
VVEAVGPNVKTLAAGDHVVLTYGACGHCASCAGGHGAYCRQFFALNFGGADADGQTALRDAAGEPLHDHFFAQSSFASYA
LARENNAIKVPKEAPLELLGPLGCGIQTGAGAVINSLAVRTGSSFASFGAGAVGMSAVMAARIAGATTIIAVDIVPSRLA
LALELGATHAINSKEVDVVDAIREITGGGVDYALESTGLPAVLSQGIDALGSRGTMGVVGAPKLGTKAEFDVNSLLLGGH
TIRGIVEGDSVPQTFIPQLVQLHLQGRFPFDRLVKFYPLEQINQAAADSSSGITLKPILRLPH
;
_entity_poly.pdbx_strand_id   A
#
# COMPACT_ATOMS: atom_id res chain seq x y z
N ASP A 14 4.44 -2.70 32.10
CA ASP A 14 5.40 -1.72 31.59
C ASP A 14 4.83 -0.94 30.40
N THR A 15 3.68 -0.29 30.60
CA THR A 15 3.08 0.52 29.55
C THR A 15 3.86 1.81 29.37
N ARG A 16 3.61 2.49 28.23
CA ARG A 16 4.35 3.70 27.96
CA ARG A 16 4.36 3.70 27.93
C ARG A 16 3.48 4.69 27.19
N ALA A 17 3.79 5.98 27.35
CA ALA A 17 3.00 7.05 26.78
C ALA A 17 3.25 7.22 25.31
N VAL A 18 2.18 7.49 24.55
CA VAL A 18 2.28 7.76 23.13
C VAL A 18 1.41 8.96 22.81
N THR A 19 1.68 9.54 21.64
CA THR A 19 0.79 10.51 21.01
C THR A 19 0.20 9.82 19.80
N ALA A 20 -1.12 9.89 19.65
CA ALA A 20 -1.80 9.12 18.60
C ALA A 20 -2.81 10.02 17.90
N ALA A 21 -3.05 9.76 16.62
CA ALA A 21 -4.18 10.33 15.91
C ALA A 21 -5.34 9.35 16.01
N VAL A 22 -6.47 9.81 16.55
CA VAL A 22 -7.60 8.94 16.89
C VAL A 22 -8.77 9.31 16.00
N ALA A 23 -9.43 8.29 15.42
CA ALA A 23 -10.68 8.49 14.70
C ALA A 23 -11.83 8.18 15.65
N ARG A 24 -12.57 9.20 16.07
CA ARG A 24 -13.63 8.94 17.05
C ARG A 24 -15.03 8.90 16.47
N ALA A 25 -15.24 9.45 15.27
CA ALA A 25 -16.57 9.51 14.70
C ALA A 25 -16.48 9.37 13.20
N ALA A 26 -17.47 8.71 12.61
CA ALA A 26 -17.47 8.49 11.17
C ALA A 26 -17.36 9.81 10.44
N GLY A 27 -16.38 9.89 9.54
CA GLY A 27 -16.22 11.06 8.70
C GLY A 27 -15.65 12.29 9.38
N ALA A 28 -15.32 12.22 10.67
CA ALA A 28 -14.89 13.37 11.44
C ALA A 28 -13.37 13.51 11.39
N PRO A 29 -12.85 14.72 11.62
CA PRO A 29 -11.39 14.90 11.62
C PRO A 29 -10.74 14.02 12.69
N PHE A 30 -9.50 13.63 12.44
CA PHE A 30 -8.69 12.97 13.46
C PHE A 30 -8.40 13.93 14.60
N SER A 31 -8.31 13.38 15.80
CA SER A 31 -7.92 14.15 16.97
C SER A 31 -6.57 13.66 17.46
N ILE A 32 -5.69 14.58 17.80
CA ILE A 32 -4.39 14.20 18.33
C ILE A 32 -4.50 14.11 19.85
N GLU A 33 -4.12 12.97 20.40
CA GLU A 33 -4.45 12.67 21.79
C GLU A 33 -3.31 11.91 22.44
N PRO A 34 -3.10 12.12 23.74
CA PRO A 34 -2.23 11.21 24.49
C PRO A 34 -2.89 9.84 24.63
N ALA A 35 -2.05 8.81 24.64
CA ALA A 35 -2.54 7.44 24.82
C ALA A 35 -1.44 6.63 25.49
N ARG A 36 -1.73 5.37 25.82
CA ARG A 36 -0.74 4.47 26.38
CA ARG A 36 -0.74 4.47 26.39
C ARG A 36 -0.76 3.15 25.65
N ILE A 37 0.42 2.56 25.45
CA ILE A 37 0.57 1.29 24.76
C ILE A 37 1.26 0.31 25.71
N ARG A 38 0.80 -0.94 25.72
CA ARG A 38 1.39 -1.94 26.59
C ARG A 38 2.71 -2.47 26.01
N ALA A 39 3.46 -3.16 26.87
CA ALA A 39 4.72 -3.79 26.45
C ALA A 39 4.45 -4.94 25.48
N PRO A 40 5.41 -5.27 24.61
CA PRO A 40 5.21 -6.39 23.69
C PRO A 40 5.18 -7.72 24.40
N ARG A 41 4.38 -8.63 23.82
CA ARG A 41 4.20 -9.99 24.30
C ARG A 41 4.51 -10.93 23.14
N GLY A 42 4.81 -12.19 23.47
CA GLY A 42 4.91 -13.18 22.40
C GLY A 42 5.96 -12.81 21.38
N ASP A 43 5.60 -12.86 20.09
CA ASP A 43 6.54 -12.42 19.08
C ASP A 43 6.22 -11.03 18.54
N GLU A 44 5.67 -10.16 19.39
CA GLU A 44 5.51 -8.76 19.02
C GLU A 44 6.83 -8.00 19.17
N VAL A 45 6.97 -6.92 18.39
CA VAL A 45 8.00 -5.93 18.64
C VAL A 45 7.33 -4.58 18.88
N LEU A 46 7.88 -3.83 19.82
CA LEU A 46 7.45 -2.47 20.09
C LEU A 46 8.33 -1.53 19.27
N VAL A 47 7.71 -0.70 18.44
CA VAL A 47 8.43 0.14 17.49
C VAL A 47 8.26 1.61 17.86
N ARG A 48 9.38 2.32 17.97
CA ARG A 48 9.33 3.78 18.07
C ARG A 48 9.13 4.30 16.66
N VAL A 49 7.91 4.79 16.37
CA VAL A 49 7.51 5.11 15.01
C VAL A 49 8.08 6.46 14.65
N VAL A 50 8.85 6.51 13.56
CA VAL A 50 9.43 7.79 13.17
CA VAL A 50 9.46 7.76 13.11
C VAL A 50 8.53 8.53 12.18
N ALA A 51 7.87 7.82 11.26
CA ALA A 51 7.03 8.49 10.27
C ALA A 51 6.13 7.45 9.64
N THR A 52 4.92 7.86 9.29
CA THR A 52 3.95 6.94 8.73
C THR A 52 3.25 7.55 7.53
N GLY A 53 3.14 6.77 6.44
CA GLY A 53 2.35 7.23 5.31
C GLY A 53 0.87 7.32 5.66
N LEU A 54 0.17 8.22 4.98
CA LEU A 54 -1.29 8.32 5.04
C LEU A 54 -1.86 7.86 3.70
N CYS A 55 -2.95 7.07 3.76
CA CYS A 55 -3.55 6.47 2.58
C CYS A 55 -5.03 6.81 2.52
N HIS A 56 -5.58 6.80 1.29
CA HIS A 56 -7.03 6.89 1.16
C HIS A 56 -7.72 5.79 1.97
N THR A 57 -7.10 4.62 2.06
CA THR A 57 -7.65 3.51 2.84
C THR A 57 -7.82 3.87 4.32
N ASP A 58 -6.90 4.66 4.90
CA ASP A 58 -7.16 5.14 6.26
C ASP A 58 -8.42 5.98 6.30
N LEU A 59 -8.62 6.81 5.28
CA LEU A 59 -9.76 7.72 5.30
C LEU A 59 -11.06 6.97 5.05
N ILE A 60 -10.98 5.89 4.28
CA ILE A 60 -12.18 5.08 4.02
C ILE A 60 -12.63 4.38 5.30
N VAL A 61 -11.67 3.95 6.13
CA VAL A 61 -12.02 3.38 7.43
C VAL A 61 -12.51 4.47 8.38
N ARG A 62 -11.83 5.63 8.42
CA ARG A 62 -12.32 6.76 9.21
C ARG A 62 -13.76 7.09 8.86
N ASP A 63 -14.10 7.02 7.56
CA ASP A 63 -15.44 7.32 7.11
C ASP A 63 -16.42 6.18 7.34
N GLN A 64 -15.91 5.02 7.80
CA GLN A 64 -16.66 3.83 8.17
C GLN A 64 -17.29 3.13 6.98
N TYR A 65 -16.78 3.35 5.77
CA TYR A 65 -17.17 2.50 4.63
C TYR A 65 -16.73 1.06 4.87
N TYR A 66 -15.52 0.87 5.41
CA TYR A 66 -15.17 -0.36 6.09
C TYR A 66 -15.27 -0.07 7.58
N PRO A 67 -16.26 -0.59 8.28
CA PRO A 67 -16.52 -0.13 9.66
C PRO A 67 -15.67 -0.84 10.71
N VAL A 68 -14.36 -0.54 10.69
CA VAL A 68 -13.51 -0.92 11.82
C VAL A 68 -14.06 -0.21 13.05
N PRO A 69 -14.25 -0.90 14.18
CA PRO A 69 -14.90 -0.25 15.33
C PRO A 69 -14.13 0.97 15.82
N LEU A 70 -14.84 2.05 16.06
CA LEU A 70 -14.31 3.31 16.58
C LEU A 70 -14.61 3.43 18.06
N PRO A 71 -13.79 4.17 18.84
CA PRO A 71 -12.63 4.98 18.47
C PRO A 71 -11.46 4.09 18.05
N ALA A 72 -10.67 4.51 17.07
CA ALA A 72 -9.64 3.65 16.53
C ALA A 72 -8.41 4.46 16.17
N VAL A 73 -7.26 3.81 16.30
CA VAL A 73 -6.00 4.37 15.83
C VAL A 73 -5.65 3.66 14.53
N LEU A 74 -5.58 4.43 13.44
CA LEU A 74 -5.35 3.81 12.13
C LEU A 74 -3.88 3.95 11.77
N GLY A 75 -3.57 4.05 10.47
CA GLY A 75 -2.19 4.12 10.02
C GLY A 75 -1.65 2.74 9.66
N HIS A 76 -1.20 2.56 8.42
CA HIS A 76 -0.72 1.23 8.04
C HIS A 76 0.49 1.30 7.12
N GLU A 77 1.25 2.39 7.21
CA GLU A 77 2.48 2.58 6.45
C GLU A 77 3.59 3.11 7.36
N GLY A 78 3.87 2.37 8.42
CA GLY A 78 4.77 2.87 9.45
C GLY A 78 6.22 2.49 9.21
N ALA A 79 7.12 3.34 9.66
CA ALA A 79 8.56 3.05 9.68
C ALA A 79 9.10 3.51 11.02
N GLY A 80 9.98 2.71 11.61
CA GLY A 80 10.50 3.12 12.91
C GLY A 80 11.61 2.23 13.38
N VAL A 81 11.95 2.37 14.66
CA VAL A 81 13.07 1.67 15.25
C VAL A 81 12.54 0.75 16.34
N VAL A 82 12.95 -0.53 16.31
CA VAL A 82 12.54 -1.46 17.34
C VAL A 82 13.04 -0.98 18.70
N GLU A 83 12.14 -0.84 19.66
CA GLU A 83 12.53 -0.43 21.00
C GLU A 83 12.52 -1.59 22.00
N ALA A 84 11.69 -2.60 21.79
CA ALA A 84 11.61 -3.72 22.72
C ALA A 84 11.02 -4.89 21.98
N VAL A 85 11.37 -6.11 22.41
CA VAL A 85 10.90 -7.31 21.72
C VAL A 85 10.20 -8.23 22.72
N GLY A 86 9.22 -8.97 22.23
CA GLY A 86 8.58 -9.99 23.03
C GLY A 86 9.52 -11.16 23.20
N PRO A 87 9.20 -12.07 24.14
CA PRO A 87 10.11 -13.18 24.40
C PRO A 87 10.21 -14.19 23.27
N ASN A 88 9.30 -14.19 22.31
CA ASN A 88 9.34 -15.14 21.20
C ASN A 88 9.97 -14.55 19.95
N VAL A 89 10.37 -13.29 19.97
CA VAL A 89 10.97 -12.69 18.77
C VAL A 89 12.32 -13.33 18.52
N LYS A 90 12.55 -13.76 17.28
CA LYS A 90 13.76 -14.49 16.95
C LYS A 90 14.76 -13.69 16.15
N THR A 91 14.30 -12.77 15.32
CA THR A 91 15.13 -12.20 14.25
C THR A 91 15.18 -10.68 14.26
N LEU A 92 14.53 -10.03 15.20
CA LEU A 92 14.65 -8.59 15.34
C LEU A 92 15.23 -8.27 16.70
N ALA A 93 15.90 -7.14 16.80
CA ALA A 93 16.48 -6.72 18.07
C ALA A 93 16.29 -5.22 18.21
N ALA A 94 16.33 -4.75 19.46
CA ALA A 94 16.25 -3.32 19.72
C ALA A 94 17.30 -2.58 18.89
N GLY A 95 16.90 -1.47 18.28
CA GLY A 95 17.76 -0.71 17.41
C GLY A 95 17.57 -0.98 15.94
N ASP A 96 16.98 -2.11 15.57
CA ASP A 96 16.73 -2.41 14.16
C ASP A 96 15.76 -1.40 13.55
N HIS A 97 16.00 -1.04 12.29
CA HIS A 97 15.10 -0.20 11.53
C HIS A 97 14.12 -1.10 10.79
N VAL A 98 12.83 -0.80 10.89
CA VAL A 98 11.80 -1.65 10.31
C VAL A 98 10.77 -0.83 9.57
N VAL A 99 10.27 -1.40 8.48
CA VAL A 99 9.05 -0.96 7.82
C VAL A 99 7.93 -1.89 8.25
N LEU A 100 6.77 -1.34 8.58
CA LEU A 100 5.66 -2.14 9.08
C LEU A 100 4.69 -2.40 7.93
N THR A 101 4.47 -3.69 7.59
CA THR A 101 3.58 -4.02 6.47
C THR A 101 2.32 -4.68 7.03
N TYR A 102 1.54 -5.32 6.17
CA TYR A 102 0.25 -5.85 6.59
C TYR A 102 0.42 -7.14 7.37
N GLY A 103 -0.60 -7.46 8.18
CA GLY A 103 -0.56 -8.67 8.98
C GLY A 103 -0.94 -9.93 8.21
N ALA A 104 -0.31 -11.03 8.59
CA ALA A 104 -0.69 -12.35 8.08
C ALA A 104 -0.40 -13.37 9.16
N CYS A 105 -1.12 -14.50 9.12
CA CYS A 105 -1.04 -15.40 10.26
C CYS A 105 0.23 -16.23 10.25
N GLY A 106 0.79 -16.49 9.07
CA GLY A 106 2.01 -17.26 8.95
C GLY A 106 1.86 -18.76 9.06
N HIS A 107 0.65 -19.29 9.23
CA HIS A 107 0.52 -20.73 9.35
CA HIS A 107 0.44 -20.72 9.43
C HIS A 107 -0.57 -21.33 8.47
N CYS A 108 -1.33 -20.53 7.74
CA CYS A 108 -2.33 -21.09 6.86
C CYS A 108 -1.70 -21.52 5.53
N ALA A 109 -2.50 -22.18 4.71
CA ALA A 109 -1.97 -22.74 3.47
C ALA A 109 -1.43 -21.63 2.56
N SER A 110 -2.12 -20.49 2.52
CA SER A 110 -1.65 -19.41 1.65
CA SER A 110 -1.65 -19.41 1.65
C SER A 110 -0.35 -18.83 2.18
N CYS A 111 -0.31 -18.56 3.49
CA CYS A 111 0.94 -18.07 4.07
C CYS A 111 2.07 -19.07 3.83
N ALA A 112 1.79 -20.34 4.02
CA ALA A 112 2.82 -21.36 3.93
C ALA A 112 3.36 -21.49 2.51
N GLY A 113 2.55 -21.14 1.52
CA GLY A 113 3.01 -21.16 0.14
C GLY A 113 3.72 -19.92 -0.32
N GLY A 114 3.99 -18.95 0.57
CA GLY A 114 4.61 -17.70 0.20
C GLY A 114 3.66 -16.64 -0.29
N HIS A 115 2.37 -16.77 0.04
CA HIS A 115 1.35 -15.82 -0.43
C HIS A 115 0.52 -15.30 0.74
N GLY A 116 1.20 -14.62 1.67
CA GLY A 116 0.53 -14.01 2.82
C GLY A 116 -0.48 -12.96 2.45
N ALA A 117 -0.38 -12.37 1.24
CA ALA A 117 -1.40 -11.42 0.83
C ALA A 117 -2.79 -12.05 0.80
N TYR A 118 -2.86 -13.39 0.66
CA TYR A 118 -4.13 -14.11 0.59
C TYR A 118 -4.37 -14.95 1.85
N CYS A 119 -3.72 -14.55 2.95
CA CYS A 119 -3.89 -15.22 4.24
C CYS A 119 -5.37 -15.40 4.56
N ARG A 120 -5.71 -16.61 5.06
CA ARG A 120 -7.09 -16.87 5.46
C ARG A 120 -7.59 -15.91 6.51
N GLN A 121 -6.70 -15.34 7.32
CA GLN A 121 -7.06 -14.46 8.42
CA GLN A 121 -7.10 -14.45 8.40
C GLN A 121 -6.83 -12.99 8.09
N PHE A 122 -6.71 -12.64 6.80
CA PHE A 122 -6.30 -11.29 6.44
C PHE A 122 -7.19 -10.22 7.09
N PHE A 123 -8.51 -10.39 7.02
CA PHE A 123 -9.34 -9.28 7.49
C PHE A 123 -9.37 -9.21 9.00
N ALA A 124 -9.32 -10.35 9.68
CA ALA A 124 -9.25 -10.29 11.15
C ALA A 124 -7.98 -9.60 11.61
N LEU A 125 -6.85 -9.90 10.95
CA LEU A 125 -5.55 -9.40 11.38
C LEU A 125 -5.34 -7.96 11.00
N ASN A 126 -6.05 -7.47 10.00
CA ASN A 126 -5.80 -6.13 9.49
C ASN A 126 -6.94 -5.17 9.74
N PHE A 127 -8.17 -5.67 9.88
CA PHE A 127 -9.33 -4.81 10.02
C PHE A 127 -10.15 -5.13 11.27
N GLY A 128 -9.64 -5.97 12.17
CA GLY A 128 -10.45 -6.43 13.28
C GLY A 128 -10.64 -5.40 14.37
N GLY A 129 -9.66 -4.50 14.55
CA GLY A 129 -9.77 -3.50 15.62
C GLY A 129 -9.31 -3.96 16.99
N ALA A 130 -8.69 -5.14 17.08
CA ALA A 130 -8.34 -5.78 18.35
C ALA A 130 -7.59 -7.06 18.00
N ASP A 131 -7.00 -7.70 19.01
CA ASP A 131 -6.37 -8.99 18.78
C ASP A 131 -7.45 -10.07 18.76
N ALA A 132 -7.01 -11.33 18.57
CA ALA A 132 -7.97 -12.44 18.44
C ALA A 132 -8.80 -12.66 19.69
N ASP A 133 -8.35 -12.19 20.85
CA ASP A 133 -9.14 -12.26 22.07
C ASP A 133 -10.05 -11.05 22.25
N GLY A 134 -10.08 -10.13 21.29
CA GLY A 134 -10.86 -8.92 21.46
C GLY A 134 -10.21 -7.85 22.31
N GLN A 135 -8.91 -7.97 22.61
CA GLN A 135 -8.24 -7.01 23.45
C GLN A 135 -7.46 -6.02 22.59
N THR A 136 -7.36 -4.78 23.07
CA THR A 136 -6.54 -3.77 22.41
C THR A 136 -5.28 -3.57 23.22
N ALA A 137 -4.22 -3.16 22.54
CA ALA A 137 -2.96 -2.83 23.16
C ALA A 137 -2.84 -1.36 23.51
N LEU A 138 -3.76 -0.53 23.03
CA LEU A 138 -3.75 0.91 23.27
C LEU A 138 -4.92 1.29 24.16
N ARG A 139 -4.70 2.23 25.09
CA ARG A 139 -5.77 2.84 25.85
C ARG A 139 -5.64 4.34 25.75
N ASP A 140 -6.77 5.05 25.85
CA ASP A 140 -6.72 6.48 25.70
C ASP A 140 -6.38 7.13 27.04
N ALA A 141 -6.47 8.46 27.08
CA ALA A 141 -6.02 9.20 28.25
C ALA A 141 -6.84 8.87 29.49
N ALA A 142 -8.11 8.53 29.29
CA ALA A 142 -8.98 8.18 30.41
C ALA A 142 -8.95 6.69 30.73
N GLY A 143 -8.13 5.91 30.03
CA GLY A 143 -8.02 4.49 30.28
C GLY A 143 -8.97 3.62 29.48
N GLU A 144 -9.72 4.19 28.54
CA GLU A 144 -10.65 3.37 27.75
C GLU A 144 -9.93 2.72 26.57
N PRO A 145 -10.40 1.55 26.14
CA PRO A 145 -9.72 0.89 25.01
C PRO A 145 -9.83 1.74 23.74
N LEU A 146 -8.76 1.74 22.98
CA LEU A 146 -8.73 2.27 21.61
C LEU A 146 -8.55 1.12 20.63
N HIS A 147 -9.51 0.94 19.74
CA HIS A 147 -9.40 -0.11 18.73
C HIS A 147 -8.14 0.08 17.90
N ASP A 148 -7.44 -1.02 17.66
CA ASP A 148 -6.09 -0.92 17.13
C ASP A 148 -5.81 -2.16 16.31
N HIS A 149 -4.54 -2.59 16.29
CA HIS A 149 -4.15 -3.72 15.43
C HIS A 149 -4.52 -3.45 13.97
N PHE A 150 -4.60 -2.18 13.59
CA PHE A 150 -4.98 -1.84 12.23
C PHE A 150 -3.83 -2.17 11.28
N PHE A 151 -4.07 -3.07 10.33
CA PHE A 151 -2.98 -3.65 9.53
C PHE A 151 -1.84 -4.11 10.42
N ALA A 152 -2.21 -4.65 11.58
CA ALA A 152 -1.28 -5.25 12.54
C ALA A 152 -0.22 -4.24 12.95
N GLN A 153 -0.61 -2.96 13.04
CA GLN A 153 0.36 -1.94 13.43
C GLN A 153 -0.25 -0.69 14.04
N SER A 154 -1.34 -0.14 13.50
CA SER A 154 -1.91 1.12 14.00
C SER A 154 -0.82 2.18 14.19
N SER A 155 -0.14 2.50 13.08
CA SER A 155 1.07 3.31 13.15
C SER A 155 0.83 4.83 13.07
N PHE A 156 -0.42 5.30 13.21
CA PHE A 156 -0.63 6.74 13.48
C PHE A 156 -0.40 7.06 14.95
N ALA A 157 0.73 6.63 15.51
CA ALA A 157 1.01 6.86 16.91
C ALA A 157 2.52 6.82 17.08
N SER A 158 2.99 7.44 18.15
CA SER A 158 4.44 7.57 18.28
C SER A 158 5.10 6.24 18.62
N TYR A 159 4.35 5.28 19.14
CA TYR A 159 4.81 3.91 19.28
C TYR A 159 3.75 2.98 18.71
N ALA A 160 4.21 1.82 18.21
CA ALA A 160 3.30 0.83 17.65
C ALA A 160 3.79 -0.56 18.00
N LEU A 161 2.84 -1.48 18.14
CA LEU A 161 3.13 -2.90 18.23
C LEU A 161 2.88 -3.56 16.89
N ALA A 162 3.82 -4.41 16.49
CA ALA A 162 3.65 -5.22 15.28
C ALA A 162 4.13 -6.62 15.62
N ARG A 163 3.69 -7.60 14.87
CA ARG A 163 4.29 -8.91 15.01
C ARG A 163 5.59 -8.95 14.21
N GLU A 164 6.49 -9.83 14.63
CA GLU A 164 7.77 -9.98 13.97
C GLU A 164 7.59 -10.20 12.47
N ASN A 165 6.56 -10.94 12.08
CA ASN A 165 6.46 -11.23 10.66
C ASN A 165 5.93 -10.08 9.82
N ASN A 166 5.40 -8.99 10.40
CA ASN A 166 5.10 -7.83 9.58
C ASN A 166 5.94 -6.62 9.95
N ALA A 167 7.02 -6.81 10.71
CA ALA A 167 8.02 -5.75 10.98
C ALA A 167 9.26 -6.10 10.17
N ILE A 168 9.49 -5.37 9.08
CA ILE A 168 10.46 -5.80 8.07
C ILE A 168 11.74 -5.02 8.27
N LYS A 169 12.81 -5.72 8.59
CA LYS A 169 14.11 -5.08 8.79
C LYS A 169 14.65 -4.50 7.49
N VAL A 170 15.15 -3.27 7.58
CA VAL A 170 15.73 -2.57 6.43
C VAL A 170 17.08 -1.99 6.84
N PRO A 171 17.95 -1.70 5.88
CA PRO A 171 19.30 -1.22 6.24
C PRO A 171 19.25 0.09 6.97
N LYS A 172 20.08 0.22 8.00
CA LYS A 172 20.07 1.42 8.82
C LYS A 172 20.52 2.66 8.07
N GLU A 173 21.28 2.50 6.98
CA GLU A 173 21.72 3.65 6.21
C GLU A 173 20.64 4.23 5.30
N ALA A 174 19.52 3.53 5.13
CA ALA A 174 18.44 4.08 4.33
C ALA A 174 17.75 5.20 5.12
N PRO A 175 17.18 6.19 4.44
CA PRO A 175 16.49 7.27 5.14
C PRO A 175 15.16 6.79 5.69
N LEU A 176 15.12 6.47 6.98
CA LEU A 176 14.03 5.66 7.51
C LEU A 176 12.67 6.35 7.36
N GLU A 177 12.61 7.68 7.59
CA GLU A 177 11.32 8.38 7.55
C GLU A 177 10.63 8.29 6.19
N LEU A 178 11.36 7.96 5.11
CA LEU A 178 10.75 7.85 3.80
C LEU A 178 10.10 6.50 3.56
N LEU A 179 10.39 5.51 4.38
CA LEU A 179 10.22 4.13 3.93
C LEU A 179 8.86 3.52 4.29
N GLY A 180 8.09 4.13 5.19
CA GLY A 180 6.84 3.52 5.62
C GLY A 180 5.89 3.15 4.51
N PRO A 181 5.75 3.96 3.46
CA PRO A 181 4.84 3.57 2.37
C PRO A 181 5.28 2.35 1.60
N LEU A 182 6.53 1.90 1.73
CA LEU A 182 6.87 0.57 1.20
C LEU A 182 6.10 -0.56 1.87
N GLY A 183 5.53 -0.30 3.05
CA GLY A 183 4.74 -1.32 3.73
C GLY A 183 3.36 -1.55 3.13
N CYS A 184 2.87 -0.64 2.27
CA CYS A 184 1.59 -0.90 1.66
C CYS A 184 1.53 -0.40 0.22
N GLY A 185 1.24 0.90 0.01
CA GLY A 185 0.88 1.35 -1.33
C GLY A 185 1.98 1.16 -2.37
N ILE A 186 3.23 1.43 -2.00
CA ILE A 186 4.31 1.30 -2.97
CA ILE A 186 4.33 1.30 -2.95
C ILE A 186 4.60 -0.17 -3.26
N GLN A 187 4.57 -1.02 -2.24
CA GLN A 187 4.69 -2.46 -2.46
C GLN A 187 3.55 -2.99 -3.31
N THR A 188 2.34 -2.45 -3.12
CA THR A 188 1.21 -2.91 -3.94
C THR A 188 1.43 -2.63 -5.41
N GLY A 189 1.80 -1.40 -5.74
CA GLY A 189 2.02 -1.06 -7.16
C GLY A 189 3.23 -1.77 -7.75
N ALA A 190 4.35 -1.73 -7.04
CA ALA A 190 5.59 -2.32 -7.55
C ALA A 190 5.49 -3.84 -7.58
N GLY A 191 4.90 -4.44 -6.54
CA GLY A 191 4.74 -5.89 -6.52
C GLY A 191 3.75 -6.40 -7.55
N ALA A 192 2.69 -5.64 -7.80
CA ALA A 192 1.76 -6.04 -8.86
C ALA A 192 2.50 -6.21 -10.17
N VAL A 193 3.43 -5.27 -10.46
CA VAL A 193 4.19 -5.32 -11.70
C VAL A 193 5.22 -6.43 -11.68
N ILE A 194 6.04 -6.48 -10.61
CA ILE A 194 7.19 -7.38 -10.61
C ILE A 194 6.76 -8.81 -10.35
N ASN A 195 5.82 -9.02 -9.42
CA ASN A 195 5.44 -10.37 -8.99
C ASN A 195 4.19 -10.90 -9.67
N SER A 196 3.06 -10.22 -9.52
CA SER A 196 1.79 -10.76 -10.02
CA SER A 196 1.83 -10.81 -10.01
C SER A 196 1.77 -10.81 -11.53
N LEU A 197 2.08 -9.69 -12.16
CA LEU A 197 2.06 -9.63 -13.62
C LEU A 197 3.33 -10.20 -14.22
N ALA A 198 4.45 -10.16 -13.47
CA ALA A 198 5.74 -10.63 -13.95
C ALA A 198 6.13 -9.92 -15.24
N VAL A 199 5.96 -8.59 -15.23
CA VAL A 199 6.46 -7.74 -16.31
C VAL A 199 7.95 -7.98 -16.48
N ARG A 200 8.42 -8.10 -17.73
CA ARG A 200 9.82 -8.44 -17.92
C ARG A 200 10.37 -7.64 -19.09
N THR A 201 11.65 -7.87 -19.37
CA THR A 201 12.36 -7.08 -20.37
C THR A 201 11.67 -7.10 -21.74
N GLY A 202 11.47 -5.92 -22.28
CA GLY A 202 10.97 -5.78 -23.63
C GLY A 202 9.46 -5.78 -23.74
N SER A 203 8.74 -5.77 -22.63
CA SER A 203 7.29 -5.81 -22.73
C SER A 203 6.70 -4.40 -22.64
N SER A 204 5.41 -4.32 -22.93
CA SER A 204 4.66 -3.07 -22.84
C SER A 204 3.74 -3.17 -21.64
N PHE A 205 3.58 -2.05 -20.96
CA PHE A 205 2.86 -1.96 -19.71
C PHE A 205 2.07 -0.66 -19.68
N ALA A 206 0.82 -0.70 -19.21
CA ALA A 206 0.02 0.50 -19.02
C ALA A 206 -0.50 0.55 -17.60
N SER A 207 -0.31 1.70 -16.94
CA SER A 207 -0.90 1.94 -15.62
C SER A 207 -2.16 2.78 -15.77
N PHE A 208 -3.30 2.21 -15.41
CA PHE A 208 -4.55 2.96 -15.38
C PHE A 208 -4.68 3.59 -13.99
N GLY A 209 -4.36 4.88 -13.91
CA GLY A 209 -4.22 5.53 -12.63
C GLY A 209 -2.78 5.92 -12.40
N ALA A 210 -2.53 7.18 -12.07
CA ALA A 210 -1.18 7.63 -11.73
C ALA A 210 -1.15 8.28 -10.34
N GLY A 211 -1.85 7.65 -9.39
CA GLY A 211 -1.65 7.93 -7.97
C GLY A 211 -0.40 7.24 -7.48
N ALA A 212 -0.25 7.19 -6.14
CA ALA A 212 0.98 6.60 -5.59
C ALA A 212 1.15 5.16 -6.06
N VAL A 213 0.06 4.38 -6.12
CA VAL A 213 0.17 2.99 -6.53
C VAL A 213 0.56 2.90 -8.00
N GLY A 214 -0.12 3.66 -8.85
CA GLY A 214 0.19 3.63 -10.28
C GLY A 214 1.60 4.12 -10.58
N MET A 215 2.03 5.18 -9.89
CA MET A 215 3.39 5.67 -10.12
C MET A 215 4.40 4.61 -9.71
N SER A 216 4.13 3.91 -8.60
CA SER A 216 5.02 2.85 -8.18
C SER A 216 5.10 1.76 -9.24
N ALA A 217 3.95 1.48 -9.88
CA ALA A 217 3.92 0.48 -10.94
C ALA A 217 4.71 0.95 -12.16
N VAL A 218 4.58 2.22 -12.53
CA VAL A 218 5.38 2.80 -13.63
C VAL A 218 6.86 2.64 -13.34
N MET A 219 7.28 3.02 -12.12
CA MET A 219 8.69 2.93 -11.78
C MET A 219 9.15 1.49 -11.75
N ALA A 220 8.30 0.58 -11.26
CA ALA A 220 8.68 -0.82 -11.22
C ALA A 220 8.79 -1.41 -12.61
N ALA A 221 7.90 -1.01 -13.53
CA ALA A 221 8.00 -1.53 -14.89
C ALA A 221 9.30 -1.09 -15.56
N ARG A 222 9.75 0.15 -15.27
CA ARG A 222 11.04 0.57 -15.79
C ARG A 222 12.18 -0.27 -15.22
N ILE A 223 12.13 -0.56 -13.92
CA ILE A 223 13.15 -1.41 -13.30
C ILE A 223 13.15 -2.79 -13.93
N ALA A 224 11.96 -3.34 -14.19
CA ALA A 224 11.84 -4.70 -14.68
C ALA A 224 12.17 -4.83 -16.17
N GLY A 225 12.40 -3.73 -16.88
CA GLY A 225 12.87 -3.84 -18.24
C GLY A 225 11.85 -3.56 -19.33
N ALA A 226 10.64 -3.12 -18.97
CA ALA A 226 9.62 -2.81 -19.98
C ALA A 226 10.12 -1.69 -20.89
N THR A 227 9.81 -1.81 -22.18
CA THR A 227 10.24 -0.85 -23.20
C THR A 227 9.15 0.13 -23.61
N THR A 228 7.89 -0.17 -23.27
CA THR A 228 6.80 0.79 -23.43
C THR A 228 6.09 0.85 -22.10
N ILE A 229 5.99 2.04 -21.53
CA ILE A 229 5.42 2.21 -20.19
C ILE A 229 4.45 3.37 -20.27
N ILE A 230 3.15 3.08 -20.20
CA ILE A 230 2.12 4.08 -20.48
C ILE A 230 1.41 4.46 -19.19
N ALA A 231 1.41 5.74 -18.85
CA ALA A 231 0.66 6.20 -17.71
C ALA A 231 -0.65 6.82 -18.20
N VAL A 232 -1.78 6.42 -17.61
CA VAL A 232 -3.10 6.94 -18.00
C VAL A 232 -3.74 7.63 -16.79
N ASP A 233 -4.14 8.89 -16.96
CA ASP A 233 -4.80 9.61 -15.87
C ASP A 233 -5.53 10.80 -16.47
N ILE A 234 -6.12 11.64 -15.62
CA ILE A 234 -6.78 12.85 -16.09
C ILE A 234 -6.10 14.12 -15.57
N VAL A 235 -5.09 14.00 -14.73
CA VAL A 235 -4.45 15.14 -14.10
C VAL A 235 -3.15 15.44 -14.85
N PRO A 236 -3.05 16.56 -15.57
CA PRO A 236 -1.83 16.80 -16.36
C PRO A 236 -0.55 16.75 -15.56
N SER A 237 -0.55 17.28 -14.33
CA SER A 237 0.67 17.25 -13.54
C SER A 237 1.08 15.83 -13.14
N ARG A 238 0.13 14.92 -12.92
CA ARG A 238 0.53 13.53 -12.68
C ARG A 238 1.09 12.91 -13.95
N LEU A 239 0.54 13.24 -15.11
CA LEU A 239 1.06 12.66 -16.33
C LEU A 239 2.48 13.18 -16.58
N ALA A 240 2.70 14.48 -16.36
CA ALA A 240 4.04 15.04 -16.49
C ALA A 240 5.01 14.36 -15.54
N LEU A 241 4.58 14.13 -14.29
CA LEU A 241 5.47 13.48 -13.32
C LEU A 241 5.74 12.05 -13.74
N ALA A 242 4.72 11.36 -14.26
CA ALA A 242 4.93 9.97 -14.67
C ALA A 242 6.02 9.86 -15.74
N LEU A 243 6.02 10.80 -16.71
CA LEU A 243 7.08 10.78 -17.71
C LEU A 243 8.45 10.96 -17.06
N GLU A 244 8.55 11.82 -16.04
CA GLU A 244 9.84 12.00 -15.36
C GLU A 244 10.25 10.75 -14.58
N LEU A 245 9.29 9.95 -14.11
CA LEU A 245 9.59 8.79 -13.28
C LEU A 245 9.76 7.51 -14.10
N GLY A 246 9.75 7.60 -15.42
CA GLY A 246 10.09 6.43 -16.20
C GLY A 246 9.11 6.02 -17.26
N ALA A 247 7.92 6.62 -17.27
CA ALA A 247 6.97 6.31 -18.36
C ALA A 247 7.49 6.80 -19.69
N THR A 248 7.25 6.01 -20.74
CA THR A 248 7.55 6.42 -22.11
C THR A 248 6.44 7.23 -22.75
N HIS A 249 5.20 7.04 -22.31
CA HIS A 249 4.02 7.69 -22.87
C HIS A 249 3.09 8.09 -21.75
N ALA A 250 2.38 9.21 -21.95
CA ALA A 250 1.37 9.62 -20.98
C ALA A 250 0.10 9.96 -21.76
N ILE A 251 -1.02 9.42 -21.28
CA ILE A 251 -2.30 9.55 -21.97
C ILE A 251 -3.27 10.24 -21.03
N ASN A 252 -3.83 11.35 -21.47
CA ASN A 252 -4.94 11.99 -20.75
C ASN A 252 -6.25 11.41 -21.27
N SER A 253 -6.94 10.64 -20.43
CA SER A 253 -8.10 9.90 -20.89
C SER A 253 -9.31 10.77 -21.16
N LYS A 254 -9.26 12.06 -20.80
CA LYS A 254 -10.31 12.99 -21.19
C LYS A 254 -10.11 13.55 -22.59
N GLU A 255 -8.93 13.31 -23.19
CA GLU A 255 -8.54 13.96 -24.43
C GLU A 255 -8.47 13.02 -25.61
N VAL A 256 -8.29 11.72 -25.39
CA VAL A 256 -8.22 10.73 -26.46
C VAL A 256 -9.03 9.52 -26.00
N ASP A 257 -9.39 8.67 -26.96
CA ASP A 257 -9.90 7.34 -26.64
C ASP A 257 -8.73 6.47 -26.18
N VAL A 258 -8.71 6.12 -24.88
CA VAL A 258 -7.52 5.48 -24.31
CA VAL A 258 -7.54 5.47 -24.30
C VAL A 258 -7.28 4.13 -24.96
N VAL A 259 -8.33 3.37 -25.27
CA VAL A 259 -8.15 2.06 -25.90
C VAL A 259 -7.48 2.21 -27.25
N ASP A 260 -8.01 3.12 -28.09
CA ASP A 260 -7.42 3.34 -29.41
C ASP A 260 -6.00 3.87 -29.29
N ALA A 261 -5.77 4.82 -28.37
CA ALA A 261 -4.44 5.38 -28.17
C ALA A 261 -3.43 4.31 -27.76
N ILE A 262 -3.82 3.44 -26.82
CA ILE A 262 -2.88 2.40 -26.40
C ILE A 262 -2.63 1.43 -27.54
N ARG A 263 -3.69 1.10 -28.29
CA ARG A 263 -3.50 0.21 -29.44
C ARG A 263 -2.53 0.82 -30.45
N GLU A 264 -2.60 2.13 -30.66
CA GLU A 264 -1.66 2.76 -31.60
C GLU A 264 -0.23 2.68 -31.09
N ILE A 265 -0.02 3.03 -29.82
CA ILE A 265 1.32 3.07 -29.24
C ILE A 265 1.98 1.69 -29.30
N THR A 266 1.21 0.64 -29.03
CA THR A 266 1.73 -0.72 -28.84
C THR A 266 1.57 -1.61 -30.06
N GLY A 267 0.99 -1.12 -31.13
CA GLY A 267 0.73 -1.96 -32.28
C GLY A 267 -0.31 -3.01 -32.06
N GLY A 268 -1.37 -2.70 -31.31
CA GLY A 268 -2.49 -3.62 -31.20
C GLY A 268 -2.97 -3.88 -29.79
N GLY A 269 -2.24 -3.41 -28.79
CA GLY A 269 -2.61 -3.60 -27.40
C GLY A 269 -1.41 -3.93 -26.54
N VAL A 270 -1.58 -3.69 -25.25
CA VAL A 270 -0.47 -3.74 -24.32
C VAL A 270 -0.32 -5.16 -23.75
N ASP A 271 0.92 -5.56 -23.44
CA ASP A 271 1.16 -6.88 -22.86
C ASP A 271 0.60 -6.98 -21.45
N TYR A 272 0.73 -5.91 -20.67
CA TYR A 272 0.42 -5.90 -19.25
C TYR A 272 -0.26 -4.59 -18.90
N ALA A 273 -1.24 -4.64 -18.00
CA ALA A 273 -1.90 -3.41 -17.57
C ALA A 273 -2.21 -3.55 -16.09
N LEU A 274 -2.33 -2.42 -15.41
CA LEU A 274 -2.67 -2.45 -13.99
C LEU A 274 -3.75 -1.39 -13.74
N GLU A 275 -4.87 -1.82 -13.16
CA GLU A 275 -5.99 -0.91 -12.89
C GLU A 275 -5.88 -0.52 -11.41
N SER A 276 -5.60 0.75 -11.14
CA SER A 276 -5.54 1.20 -9.76
C SER A 276 -6.53 2.31 -9.40
N THR A 277 -7.40 2.76 -10.33
CA THR A 277 -8.37 3.79 -9.97
C THR A 277 -9.53 3.24 -9.15
N GLY A 278 -9.83 1.95 -9.30
CA GLY A 278 -11.05 1.40 -8.74
C GLY A 278 -12.31 1.75 -9.49
N LEU A 279 -12.22 2.47 -10.61
CA LEU A 279 -13.42 2.85 -11.35
C LEU A 279 -13.78 1.74 -12.33
N PRO A 280 -14.95 1.13 -12.20
CA PRO A 280 -15.27 -0.03 -13.05
C PRO A 280 -15.31 0.29 -14.53
N ALA A 281 -15.67 1.52 -14.92
CA ALA A 281 -15.63 1.88 -16.34
C ALA A 281 -14.20 1.90 -16.86
N VAL A 282 -13.27 2.37 -16.04
CA VAL A 282 -11.85 2.37 -16.41
C VAL A 282 -11.34 0.94 -16.54
N LEU A 283 -11.72 0.07 -15.59
CA LEU A 283 -11.33 -1.34 -15.66
C LEU A 283 -11.87 -1.99 -16.95
N SER A 284 -13.17 -1.84 -17.21
CA SER A 284 -13.75 -2.50 -18.37
C SER A 284 -13.08 -2.01 -19.65
N GLN A 285 -12.76 -0.72 -19.70
CA GLN A 285 -12.11 -0.14 -20.87
C GLN A 285 -10.68 -0.64 -20.99
N GLY A 286 -9.95 -0.69 -19.88
CA GLY A 286 -8.57 -1.13 -19.92
C GLY A 286 -8.41 -2.57 -20.36
N ILE A 287 -9.38 -3.41 -20.04
CA ILE A 287 -9.31 -4.79 -20.48
C ILE A 287 -9.36 -4.87 -22.00
N ASP A 288 -10.08 -3.93 -22.64
CA ASP A 288 -10.13 -3.93 -24.09
C ASP A 288 -8.81 -3.54 -24.72
N ALA A 289 -7.96 -2.83 -23.98
CA ALA A 289 -6.68 -2.34 -24.47
C ALA A 289 -5.58 -3.38 -24.42
N LEU A 290 -5.86 -4.59 -23.94
CA LEU A 290 -4.85 -5.63 -23.90
C LEU A 290 -4.56 -6.11 -25.31
N GLY A 291 -3.30 -6.48 -25.56
CA GLY A 291 -2.90 -7.09 -26.80
C GLY A 291 -3.00 -8.60 -26.72
N SER A 292 -2.50 -9.28 -27.76
CA SER A 292 -2.57 -10.72 -27.78
C SER A 292 -1.85 -11.30 -26.58
N ARG A 293 -2.56 -12.18 -25.85
CA ARG A 293 -2.10 -12.82 -24.62
CA ARG A 293 -2.06 -12.81 -24.64
C ARG A 293 -1.74 -11.80 -23.54
N GLY A 294 -2.35 -10.62 -23.60
CA GLY A 294 -2.10 -9.61 -22.59
C GLY A 294 -2.83 -9.88 -21.30
N THR A 295 -2.38 -9.24 -20.21
CA THR A 295 -2.89 -9.49 -18.86
C THR A 295 -3.20 -8.17 -18.17
N MET A 296 -4.43 -8.02 -17.70
CA MET A 296 -4.81 -6.89 -16.85
C MET A 296 -4.77 -7.34 -15.41
N GLY A 297 -4.03 -6.62 -14.58
CA GLY A 297 -4.03 -6.85 -13.13
C GLY A 297 -4.90 -5.79 -12.47
N VAL A 298 -5.59 -6.18 -11.41
CA VAL A 298 -6.56 -5.30 -10.78
C VAL A 298 -6.16 -5.11 -9.32
N VAL A 299 -5.85 -3.87 -8.92
CA VAL A 299 -5.57 -3.57 -7.53
C VAL A 299 -6.50 -2.51 -6.93
N GLY A 300 -7.15 -1.69 -7.75
CA GLY A 300 -8.06 -0.67 -7.20
C GLY A 300 -9.41 -1.26 -6.87
N ALA A 301 -9.92 -0.96 -5.66
CA ALA A 301 -11.15 -1.59 -5.19
C ALA A 301 -12.32 -0.60 -5.25
N PRO A 302 -13.40 -0.91 -5.95
CA PRO A 302 -14.60 -0.08 -5.91
C PRO A 302 -15.43 -0.46 -4.69
N LYS A 303 -16.60 0.15 -4.56
CA LYS A 303 -17.50 -0.19 -3.48
C LYS A 303 -17.89 -1.66 -3.60
N LEU A 304 -18.11 -2.31 -2.46
CA LEU A 304 -18.53 -3.72 -2.50
C LEU A 304 -19.79 -3.85 -3.34
N GLY A 305 -19.88 -4.96 -4.07
CA GLY A 305 -20.99 -5.19 -4.96
C GLY A 305 -20.81 -4.63 -6.35
N THR A 306 -19.76 -3.86 -6.60
CA THR A 306 -19.55 -3.28 -7.93
C THR A 306 -19.15 -4.36 -8.92
N LYS A 307 -19.81 -4.38 -10.08
CA LYS A 307 -19.46 -5.30 -11.16
C LYS A 307 -18.76 -4.56 -12.28
N ALA A 308 -17.90 -5.28 -13.00
CA ALA A 308 -17.33 -4.83 -14.25
C ALA A 308 -17.68 -5.85 -15.32
N GLU A 309 -17.66 -5.43 -16.57
CA GLU A 309 -18.00 -6.36 -17.63
C GLU A 309 -16.83 -6.52 -18.57
N PHE A 310 -16.81 -7.64 -19.30
CA PHE A 310 -15.84 -7.84 -20.36
C PHE A 310 -16.54 -8.51 -21.53
N ASP A 311 -16.01 -8.23 -22.72
CA ASP A 311 -16.48 -8.86 -23.94
C ASP A 311 -15.90 -10.25 -24.02
N VAL A 312 -16.77 -11.26 -24.01
CA VAL A 312 -16.29 -12.64 -23.90
C VAL A 312 -15.42 -13.01 -25.11
N ASN A 313 -15.90 -12.70 -26.33
CA ASN A 313 -15.12 -13.09 -27.50
C ASN A 313 -13.78 -12.36 -27.57
N SER A 314 -13.72 -11.09 -27.13
CA SER A 314 -12.45 -10.38 -27.14
CA SER A 314 -12.45 -10.38 -27.14
C SER A 314 -11.44 -11.05 -26.22
N LEU A 315 -11.90 -11.44 -25.03
CA LEU A 315 -11.03 -12.13 -24.07
C LEU A 315 -10.61 -13.49 -24.62
N LEU A 316 -11.54 -14.21 -25.21
CA LEU A 316 -11.26 -15.53 -25.73
C LEU A 316 -10.29 -15.46 -26.90
N LEU A 317 -10.66 -14.70 -27.95
CA LEU A 317 -9.85 -14.68 -29.15
C LEU A 317 -8.50 -14.04 -28.94
N GLY A 318 -8.40 -13.12 -27.96
CA GLY A 318 -7.15 -12.47 -27.62
C GLY A 318 -6.29 -13.21 -26.64
N GLY A 319 -6.79 -14.32 -26.09
CA GLY A 319 -6.07 -15.00 -25.01
C GLY A 319 -5.82 -14.06 -23.85
N HIS A 320 -6.76 -13.17 -23.56
CA HIS A 320 -6.52 -12.18 -22.51
C HIS A 320 -6.71 -12.77 -21.13
N THR A 321 -5.97 -12.22 -20.17
CA THR A 321 -6.09 -12.57 -18.76
C THR A 321 -6.49 -11.35 -17.93
N ILE A 322 -7.41 -11.56 -16.97
CA ILE A 322 -7.75 -10.58 -15.94
C ILE A 322 -7.42 -11.22 -14.60
N ARG A 323 -6.62 -10.52 -13.78
CA ARG A 323 -6.14 -11.10 -12.52
C ARG A 323 -6.30 -10.12 -11.37
N GLY A 324 -6.91 -10.56 -10.27
CA GLY A 324 -7.01 -9.72 -9.08
C GLY A 324 -5.73 -9.83 -8.27
N ILE A 325 -5.32 -8.71 -7.66
CA ILE A 325 -4.05 -8.67 -6.95
C ILE A 325 -4.26 -7.96 -5.62
N VAL A 326 -3.87 -8.60 -4.52
CA VAL A 326 -3.90 -7.98 -3.21
C VAL A 326 -2.48 -7.67 -2.77
N GLU A 327 -2.24 -6.43 -2.33
CA GLU A 327 -0.98 -6.02 -1.70
C GLU A 327 0.25 -6.29 -2.54
N GLY A 328 0.12 -6.44 -3.87
CA GLY A 328 1.31 -6.73 -4.65
C GLY A 328 1.79 -8.16 -4.58
N ASP A 329 1.04 -9.05 -3.91
CA ASP A 329 1.34 -10.48 -3.78
C ASP A 329 2.83 -10.77 -3.74
N SER A 330 3.50 -10.22 -2.74
CA SER A 330 4.94 -10.27 -2.54
CA SER A 330 4.93 -10.39 -2.62
C SER A 330 5.27 -11.12 -1.33
N VAL A 331 6.56 -11.29 -1.09
CA VAL A 331 7.08 -11.77 0.19
C VAL A 331 7.71 -10.53 0.82
N PRO A 332 7.04 -9.82 1.73
CA PRO A 332 7.54 -8.49 2.12
C PRO A 332 8.94 -8.53 2.71
N GLN A 333 9.31 -9.59 3.45
CA GLN A 333 10.60 -9.52 4.10
C GLN A 333 11.76 -9.55 3.13
N THR A 334 11.54 -10.04 1.91
CA THR A 334 12.55 -9.95 0.85
C THR A 334 12.29 -8.80 -0.10
N PHE A 335 11.02 -8.52 -0.41
CA PHE A 335 10.68 -7.51 -1.43
C PHE A 335 10.90 -6.09 -0.94
N ILE A 336 10.53 -5.77 0.30
CA ILE A 336 10.74 -4.40 0.78
C ILE A 336 12.22 -4.03 0.80
N PRO A 337 13.13 -4.88 1.28
CA PRO A 337 14.55 -4.52 1.20
C PRO A 337 15.07 -4.39 -0.23
N GLN A 338 14.51 -5.16 -1.20
CA GLN A 338 14.87 -4.97 -2.61
C GLN A 338 14.47 -3.57 -3.08
N LEU A 339 13.27 -3.13 -2.73
CA LEU A 339 12.86 -1.78 -3.10
C LEU A 339 13.74 -0.72 -2.42
N VAL A 340 14.12 -0.94 -1.15
CA VAL A 340 15.04 0.02 -0.50
C VAL A 340 16.36 0.08 -1.27
N GLN A 341 16.92 -1.08 -1.62
CA GLN A 341 18.19 -1.09 -2.34
C GLN A 341 18.08 -0.39 -3.70
N LEU A 342 17.01 -0.67 -4.44
CA LEU A 342 16.80 0.01 -5.70
C LEU A 342 16.72 1.52 -5.50
N HIS A 343 16.04 1.95 -4.43
CA HIS A 343 15.98 3.38 -4.17
C HIS A 343 17.37 3.95 -3.88
N LEU A 344 18.17 3.26 -3.04
CA LEU A 344 19.52 3.75 -2.72
C LEU A 344 20.40 3.81 -3.96
N GLN A 345 20.18 2.93 -4.93
CA GLN A 345 20.93 2.92 -6.17
C GLN A 345 20.47 3.98 -7.16
N GLY A 346 19.50 4.82 -6.81
CA GLY A 346 18.99 5.81 -7.74
C GLY A 346 18.07 5.25 -8.81
N ARG A 347 17.51 4.06 -8.60
CA ARG A 347 16.69 3.40 -9.62
C ARG A 347 15.20 3.38 -9.29
N PHE A 348 14.77 3.99 -8.18
CA PHE A 348 13.38 3.87 -7.71
C PHE A 348 13.04 5.13 -6.95
N PRO A 349 12.77 6.23 -7.66
CA PRO A 349 12.67 7.56 -7.02
C PRO A 349 11.28 7.85 -6.42
N PHE A 350 10.83 6.97 -5.53
CA PHE A 350 9.49 7.14 -4.98
C PHE A 350 9.43 8.29 -3.98
N ASP A 351 10.58 8.86 -3.62
CA ASP A 351 10.58 10.10 -2.84
C ASP A 351 9.84 11.21 -3.57
N ARG A 352 9.75 11.13 -4.91
CA ARG A 352 9.06 12.15 -5.67
C ARG A 352 7.55 12.14 -5.47
N LEU A 353 7.01 11.08 -4.84
CA LEU A 353 5.60 11.00 -4.51
C LEU A 353 5.28 11.65 -3.16
N VAL A 354 6.29 11.99 -2.36
CA VAL A 354 6.10 12.25 -0.93
C VAL A 354 6.06 13.73 -0.61
N LYS A 355 5.17 14.09 0.32
CA LYS A 355 5.30 15.33 1.07
C LYS A 355 5.21 14.99 2.55
N PHE A 356 6.10 15.57 3.36
CA PHE A 356 6.09 15.35 4.80
C PHE A 356 5.23 16.38 5.53
N TYR A 357 4.59 15.92 6.59
CA TYR A 357 3.75 16.74 7.46
C TYR A 357 4.00 16.31 8.89
N PRO A 358 3.89 17.21 9.85
CA PRO A 358 3.86 16.75 11.24
C PRO A 358 2.55 16.04 11.52
N LEU A 359 2.59 15.08 12.45
CA LEU A 359 1.37 14.37 12.84
C LEU A 359 0.23 15.36 13.14
N GLU A 360 0.56 16.46 13.82
CA GLU A 360 -0.43 17.48 14.18
C GLU A 360 -1.21 17.97 12.96
N GLN A 361 -0.62 17.90 11.76
CA GLN A 361 -1.26 18.35 10.53
C GLN A 361 -1.94 17.21 9.78
N ILE A 362 -2.30 16.13 10.47
CA ILE A 362 -2.82 14.95 9.79
C ILE A 362 -4.05 15.28 8.97
N ASN A 363 -4.92 16.17 9.47
CA ASN A 363 -6.14 16.48 8.76
C ASN A 363 -5.86 17.28 7.49
N GLN A 364 -4.81 18.10 7.48
CA GLN A 364 -4.40 18.74 6.23
C GLN A 364 -3.82 17.74 5.26
N ALA A 365 -3.04 16.77 5.75
CA ALA A 365 -2.54 15.72 4.86
C ALA A 365 -3.69 14.89 4.30
N ALA A 366 -4.72 14.61 5.12
CA ALA A 366 -5.87 13.88 4.62
C ALA A 366 -6.54 14.66 3.50
N ALA A 367 -6.68 15.97 3.69
CA ALA A 367 -7.28 16.83 2.66
C ALA A 367 -6.46 16.82 1.39
N ASP A 368 -5.13 16.92 1.52
CA ASP A 368 -4.25 16.92 0.35
C ASP A 368 -4.24 15.57 -0.36
N SER A 369 -4.38 14.48 0.40
CA SER A 369 -4.57 13.17 -0.21
C SER A 369 -5.88 13.12 -1.00
N SER A 370 -6.98 13.53 -0.37
CA SER A 370 -8.28 13.48 -1.04
C SER A 370 -8.32 14.40 -2.24
N SER A 371 -7.72 15.59 -2.16
CA SER A 371 -7.74 16.49 -3.31
C SER A 371 -6.77 16.06 -4.40
N GLY A 372 -5.83 15.17 -4.11
CA GLY A 372 -4.83 14.75 -5.08
C GLY A 372 -3.59 15.62 -5.13
N ILE A 373 -3.57 16.72 -4.37
CA ILE A 373 -2.42 17.63 -4.31
C ILE A 373 -1.16 16.90 -3.86
N THR A 374 -1.29 15.91 -2.98
CA THR A 374 -0.15 15.15 -2.50
C THR A 374 -0.41 13.68 -2.79
N LEU A 375 0.49 13.06 -3.58
CA LEU A 375 0.31 11.64 -3.91
C LEU A 375 0.50 10.77 -2.69
N LYS A 376 1.47 11.09 -1.83
CA LYS A 376 1.76 10.23 -0.68
C LYS A 376 2.21 11.09 0.47
N PRO A 377 1.30 11.53 1.33
CA PRO A 377 1.69 12.22 2.56
C PRO A 377 2.41 11.26 3.48
N ILE A 378 3.43 11.74 4.16
CA ILE A 378 4.05 10.99 5.25
C ILE A 378 4.01 11.87 6.49
N LEU A 379 3.48 11.33 7.58
CA LEU A 379 3.34 12.06 8.82
C LEU A 379 4.53 11.77 9.72
N ARG A 380 5.22 12.83 10.18
CA ARG A 380 6.31 12.69 11.14
C ARG A 380 5.77 12.67 12.56
N LEU A 381 6.18 11.67 13.33
CA LEU A 381 5.65 11.47 14.69
C LEU A 381 6.47 12.25 15.71
N PRO A 382 5.80 12.82 16.70
CA PRO A 382 6.51 13.47 17.80
C PRO A 382 6.95 12.44 18.83
N HIS A 383 7.99 12.80 19.57
CA HIS A 383 8.39 11.98 20.72
C HIS A 383 8.89 12.86 21.85
#